data_2FLY
#
_entry.id   2FLY
#
_entity_poly.entity_id   1
_entity_poly.type   'polypeptide(L)'
_entity_poly.pdbx_seq_one_letter_code
;ARLDVASEFRKKWNKWALSR(NH2)
;
_entity_poly.pdbx_strand_id   A
#
# COMPACT_ATOMS: atom_id res chain seq x y z
N ALA A 1 -17.11 1.86 2.05
CA ALA A 1 -15.85 1.80 2.86
C ALA A 1 -14.62 1.91 1.96
N ARG A 2 -13.62 2.66 2.42
CA ARG A 2 -12.39 2.84 1.66
C ARG A 2 -11.18 2.42 2.49
N LEU A 3 -11.39 1.46 3.38
CA LEU A 3 -10.30 0.97 4.24
C LEU A 3 -9.59 -0.21 3.58
N ASP A 4 -10.38 -1.15 3.05
CA ASP A 4 -9.82 -2.32 2.39
C ASP A 4 -8.91 -1.91 1.24
N VAL A 5 -9.32 -0.88 0.51
CA VAL A 5 -8.55 -0.38 -0.62
C VAL A 5 -7.41 0.52 -0.14
N ALA A 6 -7.73 1.41 0.79
CA ALA A 6 -6.72 2.31 1.34
C ALA A 6 -5.59 1.53 2.00
N SER A 7 -5.93 0.37 2.55
CA SER A 7 -4.94 -0.48 3.20
C SER A 7 -4.15 -1.27 2.18
N GLU A 8 -4.85 -1.75 1.15
CA GLU A 8 -4.21 -2.53 0.10
C GLU A 8 -3.21 -1.68 -0.67
N PHE A 9 -3.54 -0.40 -0.83
CA PHE A 9 -2.67 0.52 -1.54
C PHE A 9 -1.37 0.74 -0.78
N ARG A 10 -1.45 0.63 0.54
CA ARG A 10 -0.29 0.81 1.40
C ARG A 10 0.70 -0.34 1.22
N LYS A 11 0.17 -1.53 0.97
CA LYS A 11 0.98 -2.72 0.77
C LYS A 11 1.74 -2.63 -0.56
N LYS A 12 1.08 -2.09 -1.57
CA LYS A 12 1.68 -1.95 -2.89
C LYS A 12 2.75 -0.85 -2.87
N TRP A 13 2.54 0.15 -2.03
CA TRP A 13 3.49 1.25 -1.91
C TRP A 13 4.70 0.85 -1.07
N ASN A 14 4.47 -0.03 -0.09
CA ASN A 14 5.54 -0.49 0.78
C ASN A 14 6.69 -1.08 -0.03
N LYS A 15 6.35 -1.79 -1.10
CA LYS A 15 7.36 -2.41 -1.96
C LYS A 15 8.24 -1.35 -2.61
N TRP A 16 7.67 -0.17 -2.85
CA TRP A 16 8.41 0.92 -3.46
C TRP A 16 9.43 1.49 -2.48
N ALA A 17 9.07 1.49 -1.20
CA ALA A 17 9.95 1.99 -0.16
C ALA A 17 11.06 0.99 0.13
N LEU A 18 10.73 -0.29 0.07
CA LEU A 18 11.72 -1.34 0.31
C LEU A 18 12.60 -1.54 -0.90
N SER A 19 12.09 -1.16 -2.08
CA SER A 19 12.85 -1.30 -3.31
C SER A 19 13.70 -0.06 -3.58
N ARG A 20 13.23 1.08 -3.08
CA ARG A 20 13.95 2.35 -3.26
C ARG A 20 15.05 2.50 -2.21
N ALA A 1 -16.57 -0.39 -0.04
CA ALA A 1 -15.53 -0.50 1.03
C ALA A 1 -14.31 0.35 0.69
N ARG A 2 -14.05 1.36 1.51
CA ARG A 2 -12.91 2.25 1.30
C ARG A 2 -11.75 1.86 2.21
N LEU A 3 -12.07 1.30 3.37
CA LEU A 3 -11.04 0.88 4.32
C LEU A 3 -10.10 -0.15 3.70
N ASP A 4 -10.68 -1.14 3.05
CA ASP A 4 -9.89 -2.19 2.41
C ASP A 4 -8.95 -1.60 1.36
N VAL A 5 -9.37 -0.48 0.76
CA VAL A 5 -8.57 0.19 -0.25
C VAL A 5 -7.44 0.99 0.39
N ALA A 6 -7.78 1.75 1.43
CA ALA A 6 -6.80 2.57 2.13
C ALA A 6 -5.65 1.71 2.65
N SER A 7 -5.95 0.46 2.97
CA SER A 7 -4.93 -0.46 3.46
C SER A 7 -4.11 -1.02 2.31
N GLU A 8 -4.77 -1.30 1.19
CA GLU A 8 -4.09 -1.83 0.01
C GLU A 8 -3.09 -0.81 -0.53
N PHE A 9 -3.45 0.47 -0.44
CA PHE A 9 -2.59 1.54 -0.92
C PHE A 9 -1.30 1.58 -0.12
N ARG A 10 -1.38 1.17 1.14
CA ARG A 10 -0.22 1.16 2.03
C ARG A 10 0.76 0.06 1.60
N LYS A 11 0.21 -1.07 1.17
CA LYS A 11 1.03 -2.19 0.73
C LYS A 11 1.79 -1.85 -0.55
N LYS A 12 1.16 -1.02 -1.38
CA LYS A 12 1.78 -0.61 -2.64
C LYS A 12 2.94 0.35 -2.39
N TRP A 13 2.84 1.12 -1.31
CA TRP A 13 3.89 2.07 -0.96
C TRP A 13 5.06 1.37 -0.27
N ASN A 14 4.74 0.41 0.59
CA ASN A 14 5.77 -0.34 1.30
C ASN A 14 6.68 -1.07 0.32
N LYS A 15 6.08 -1.68 -0.69
CA LYS A 15 6.85 -2.40 -1.71
C LYS A 15 7.82 -1.48 -2.41
N TRP A 16 7.43 -0.23 -2.58
CA TRP A 16 8.27 0.76 -3.25
C TRP A 16 9.54 1.03 -2.42
N ALA A 17 9.38 1.06 -1.11
CA ALA A 17 10.50 1.29 -0.21
C ALA A 17 11.51 0.16 -0.31
N LEU A 18 11.02 -1.05 -0.55
CA LEU A 18 11.89 -2.22 -0.67
C LEU A 18 12.67 -2.15 -1.98
N SER A 19 11.97 -1.82 -3.05
CA SER A 19 12.60 -1.71 -4.37
C SER A 19 13.52 -0.50 -4.43
N ARG A 20 13.21 0.53 -3.64
CA ARG A 20 14.01 1.74 -3.61
C ARG A 20 15.37 1.48 -2.96
N ALA A 1 -17.18 1.11 1.57
CA ALA A 1 -16.10 1.60 2.45
C ALA A 1 -14.78 1.75 1.67
N ARG A 2 -13.81 2.41 2.29
CA ARG A 2 -12.51 2.61 1.66
C ARG A 2 -11.39 2.19 2.60
N LEU A 3 -11.66 1.20 3.45
CA LEU A 3 -10.67 0.71 4.39
C LEU A 3 -9.76 -0.33 3.73
N ASP A 4 -10.38 -1.34 3.12
CA ASP A 4 -9.62 -2.40 2.45
C ASP A 4 -8.74 -1.82 1.35
N VAL A 5 -9.19 -0.73 0.76
CA VAL A 5 -8.43 -0.08 -0.31
C VAL A 5 -7.26 0.72 0.26
N ALA A 6 -7.51 1.44 1.35
CA ALA A 6 -6.47 2.23 1.98
C ALA A 6 -5.30 1.36 2.41
N SER A 7 -5.60 0.13 2.82
CA SER A 7 -4.58 -0.81 3.24
C SER A 7 -3.89 -1.43 2.04
N GLU A 8 -4.66 -1.69 0.98
CA GLU A 8 -4.12 -2.28 -0.23
C GLU A 8 -3.17 -1.30 -0.92
N PHE A 9 -3.54 -0.02 -0.91
CA PHE A 9 -2.71 1.01 -1.53
C PHE A 9 -1.39 1.17 -0.78
N ARG A 10 -1.41 0.88 0.51
CA ARG A 10 -0.21 0.97 1.33
C ARG A 10 0.75 -0.17 1.02
N LYS A 11 0.20 -1.34 0.75
CA LYS A 11 1.00 -2.51 0.42
C LYS A 11 1.66 -2.35 -0.95
N LYS A 12 0.97 -1.64 -1.84
CA LYS A 12 1.49 -1.42 -3.19
C LYS A 12 2.60 -0.38 -3.17
N TRP A 13 2.53 0.54 -2.22
CA TRP A 13 3.53 1.59 -2.10
C TRP A 13 4.64 1.18 -1.13
N ASN A 14 4.28 0.38 -0.13
CA ASN A 14 5.25 -0.09 0.86
C ASN A 14 6.39 -0.85 0.19
N LYS A 15 6.04 -1.78 -0.69
CA LYS A 15 7.04 -2.58 -1.39
C LYS A 15 7.98 -1.68 -2.18
N TRP A 16 7.46 -0.55 -2.65
CA TRP A 16 8.27 0.39 -3.42
C TRP A 16 9.35 1.02 -2.55
N ALA A 17 9.00 1.33 -1.30
CA ALA A 17 9.94 1.93 -0.37
C ALA A 17 11.08 0.98 -0.05
N LEU A 18 10.77 -0.31 -0.04
CA LEU A 18 11.79 -1.33 0.23
C LEU A 18 12.75 -1.44 -0.94
N SER A 19 12.18 -1.44 -2.14
CA SER A 19 12.98 -1.53 -3.36
C SER A 19 13.87 -0.30 -3.53
N ARG A 20 13.42 0.83 -2.96
CA ARG A 20 14.17 2.07 -3.05
C ARG A 20 15.58 1.90 -2.47
N ALA A 1 -15.64 1.27 -1.21
CA ALA A 1 -14.70 0.73 -0.19
C ALA A 1 -13.47 1.62 -0.06
N ARG A 2 -13.31 2.22 1.12
CA ARG A 2 -12.18 3.10 1.38
C ARG A 2 -11.18 2.44 2.34
N LEU A 3 -11.69 1.60 3.23
CA LEU A 3 -10.84 0.90 4.19
C LEU A 3 -10.09 -0.24 3.53
N ASP A 4 -10.74 -0.90 2.59
CA ASP A 4 -10.13 -2.01 1.87
C ASP A 4 -8.98 -1.51 0.99
N VAL A 5 -9.16 -0.31 0.45
CA VAL A 5 -8.14 0.29 -0.40
C VAL A 5 -7.04 0.94 0.43
N ALA A 6 -7.44 1.49 1.57
CA ALA A 6 -6.49 2.13 2.49
C ALA A 6 -5.45 1.12 2.95
N SER A 7 -5.87 -0.14 3.10
CA SER A 7 -4.97 -1.20 3.53
C SER A 7 -4.12 -1.69 2.37
N GLU A 8 -4.74 -1.84 1.21
CA GLU A 8 -4.04 -2.29 0.01
C GLU A 8 -2.98 -1.27 -0.40
N PHE A 9 -3.33 0.01 -0.28
CA PHE A 9 -2.41 1.08 -0.62
C PHE A 9 -1.17 1.04 0.28
N ARG A 10 -1.38 0.60 1.52
CA ARG A 10 -0.29 0.51 2.48
C ARG A 10 0.70 -0.57 2.06
N LYS A 11 0.18 -1.68 1.56
CA LYS A 11 1.01 -2.79 1.11
C LYS A 11 1.83 -2.37 -0.11
N LYS A 12 1.21 -1.59 -0.98
CA LYS A 12 1.87 -1.12 -2.19
C LYS A 12 3.00 -0.15 -1.83
N TRP A 13 2.78 0.64 -0.79
CA TRP A 13 3.77 1.61 -0.34
C TRP A 13 4.99 0.90 0.25
N ASN A 14 4.74 -0.20 0.96
CA ASN A 14 5.80 -0.97 1.57
C ASN A 14 6.76 -1.49 0.50
N LYS A 15 6.21 -2.18 -0.50
CA LYS A 15 7.01 -2.73 -1.57
C LYS A 15 7.73 -1.62 -2.33
N TRP A 16 7.09 -0.46 -2.42
CA TRP A 16 7.68 0.69 -3.12
C TRP A 16 8.92 1.18 -2.38
N ALA A 17 8.88 1.14 -1.06
CA ALA A 17 10.01 1.57 -0.25
C ALA A 17 11.21 0.66 -0.46
N LEU A 18 10.94 -0.62 -0.69
CA LEU A 18 12.00 -1.59 -0.92
C LEU A 18 12.63 -1.38 -2.30
N SER A 19 11.76 -1.20 -3.30
CA SER A 19 12.21 -0.98 -4.66
C SER A 19 12.74 0.43 -4.84
N ARG A 20 12.28 1.36 -4.00
CA ARG A 20 12.72 2.74 -4.07
C ARG A 20 14.23 2.85 -3.92
N ALA A 1 -16.91 0.92 1.95
CA ALA A 1 -15.67 0.75 2.75
C ALA A 1 -14.44 1.09 1.92
N ARG A 2 -13.81 2.22 2.24
CA ARG A 2 -12.61 2.65 1.52
C ARG A 2 -11.35 2.21 2.25
N LEU A 3 -11.47 1.97 3.55
CA LEU A 3 -10.32 1.54 4.35
C LEU A 3 -9.67 0.31 3.75
N ASP A 4 -10.48 -0.61 3.25
CA ASP A 4 -9.98 -1.84 2.64
C ASP A 4 -9.05 -1.52 1.47
N VAL A 5 -9.44 -0.53 0.68
CA VAL A 5 -8.63 -0.13 -0.48
C VAL A 5 -7.44 0.71 -0.05
N ALA A 6 -7.69 1.65 0.86
CA ALA A 6 -6.62 2.52 1.36
C ALA A 6 -5.50 1.69 1.99
N SER A 7 -5.86 0.55 2.56
CA SER A 7 -4.89 -0.33 3.19
C SER A 7 -4.16 -1.16 2.14
N GLU A 8 -4.91 -1.60 1.13
CA GLU A 8 -4.34 -2.40 0.06
C GLU A 8 -3.31 -1.59 -0.71
N PHE A 9 -3.63 -0.31 -0.94
CA PHE A 9 -2.73 0.59 -1.67
C PHE A 9 -1.41 0.72 -0.93
N ARG A 10 -1.47 0.62 0.40
CA ARG A 10 -0.27 0.73 1.22
C ARG A 10 0.69 -0.42 0.92
N LYS A 11 0.12 -1.60 0.67
CA LYS A 11 0.90 -2.78 0.35
C LYS A 11 1.68 -2.58 -0.94
N LYS A 12 1.14 -1.74 -1.81
CA LYS A 12 1.78 -1.45 -3.11
C LYS A 12 2.98 -0.52 -2.91
N TRP A 13 2.84 0.42 -1.99
CA TRP A 13 3.91 1.38 -1.71
C TRP A 13 4.95 0.77 -0.78
N ASN A 14 4.51 -0.13 0.10
CA ASN A 14 5.41 -0.78 1.04
C ASN A 14 6.62 -1.38 0.33
N LYS A 15 6.37 -2.34 -0.56
CA LYS A 15 7.44 -2.98 -1.31
C LYS A 15 8.24 -1.96 -2.11
N TRP A 16 7.56 -0.94 -2.59
CA TRP A 16 8.22 0.12 -3.37
C TRP A 16 9.21 0.88 -2.51
N ALA A 17 8.83 1.13 -1.26
CA ALA A 17 9.69 1.86 -0.33
C ALA A 17 10.96 1.07 -0.05
N LEU A 18 10.85 -0.25 -0.06
CA LEU A 18 12.01 -1.11 0.18
C LEU A 18 12.96 -1.06 -1.01
N SER A 19 12.39 -1.15 -2.21
CA SER A 19 13.18 -1.12 -3.43
C SER A 19 13.80 0.27 -3.62
N ARG A 20 13.13 1.29 -3.10
CA ARG A 20 13.62 2.66 -3.22
C ARG A 20 15.00 2.80 -2.60
N ALA A 1 -15.29 -1.66 0.29
CA ALA A 1 -15.08 -0.76 1.46
C ALA A 1 -14.03 0.30 1.14
N ARG A 2 -13.85 1.23 2.08
CA ARG A 2 -12.88 2.31 1.90
C ARG A 2 -11.56 1.95 2.57
N LEU A 3 -11.63 1.23 3.68
CA LEU A 3 -10.43 0.83 4.41
C LEU A 3 -9.61 -0.17 3.61
N ASP A 4 -10.29 -1.07 2.91
CA ASP A 4 -9.61 -2.07 2.09
C ASP A 4 -8.73 -1.41 1.05
N VAL A 5 -9.22 -0.34 0.44
CA VAL A 5 -8.47 0.38 -0.57
C VAL A 5 -7.36 1.22 0.07
N ALA A 6 -7.70 1.93 1.13
CA ALA A 6 -6.73 2.76 1.84
C ALA A 6 -5.60 1.90 2.38
N SER A 7 -5.92 0.66 2.74
CA SER A 7 -4.92 -0.26 3.27
C SER A 7 -4.11 -0.87 2.14
N GLU A 8 -4.77 -1.17 1.03
CA GLU A 8 -4.11 -1.75 -0.13
C GLU A 8 -3.11 -0.77 -0.71
N PHE A 9 -3.48 0.51 -0.73
CA PHE A 9 -2.61 1.55 -1.26
C PHE A 9 -1.33 1.65 -0.42
N ARG A 10 -1.45 1.35 0.87
CA ARG A 10 -0.31 1.42 1.77
C ARG A 10 0.63 0.24 1.51
N LYS A 11 0.05 -0.90 1.15
CA LYS A 11 0.83 -2.10 0.86
C LYS A 11 1.60 -1.94 -0.45
N LYS A 12 1.01 -1.21 -1.38
CA LYS A 12 1.62 -0.96 -2.67
C LYS A 12 2.78 0.01 -2.55
N TRP A 13 2.66 0.94 -1.59
CA TRP A 13 3.70 1.94 -1.37
C TRP A 13 4.84 1.36 -0.55
N ASN A 14 4.51 0.49 0.39
CA ASN A 14 5.51 -0.14 1.24
C ASN A 14 6.50 -0.94 0.41
N LYS A 15 5.99 -1.72 -0.54
CA LYS A 15 6.83 -2.53 -1.40
C LYS A 15 7.80 -1.65 -2.19
N TRP A 16 7.37 -0.45 -2.54
CA TRP A 16 8.20 0.48 -3.29
C TRP A 16 9.41 0.90 -2.46
N ALA A 17 9.20 1.08 -1.16
CA ALA A 17 10.28 1.48 -0.26
C ALA A 17 11.34 0.39 -0.15
N LEU A 18 10.90 -0.86 -0.25
CA LEU A 18 11.82 -1.99 -0.17
C LEU A 18 12.62 -2.10 -1.47
N SER A 19 11.93 -1.95 -2.59
CA SER A 19 12.58 -2.03 -3.89
C SER A 19 13.37 -0.75 -4.19
N ARG A 20 12.95 0.36 -3.58
CA ARG A 20 13.62 1.63 -3.77
C ARG A 20 14.75 1.82 -2.75
N ALA A 1 -16.95 0.98 2.97
CA ALA A 1 -15.76 1.77 3.36
C ALA A 1 -14.60 1.53 2.40
N ARG A 2 -13.65 2.46 2.36
CA ARG A 2 -12.50 2.34 1.48
C ARG A 2 -11.25 1.93 2.27
N LEU A 3 -11.46 1.16 3.34
CA LEU A 3 -10.36 0.71 4.17
C LEU A 3 -9.52 -0.33 3.43
N ASP A 4 -10.18 -1.33 2.85
CA ASP A 4 -9.48 -2.38 2.11
C ASP A 4 -8.65 -1.78 0.98
N VAL A 5 -9.17 -0.73 0.36
CA VAL A 5 -8.47 -0.07 -0.73
C VAL A 5 -7.35 0.83 -0.20
N ALA A 6 -7.66 1.60 0.84
CA ALA A 6 -6.68 2.49 1.44
C ALA A 6 -5.54 1.68 2.07
N SER A 7 -5.87 0.48 2.53
CA SER A 7 -4.88 -0.39 3.15
C SER A 7 -4.12 -1.18 2.08
N GLU A 8 -4.82 -1.60 1.05
CA GLU A 8 -4.21 -2.35 -0.05
C GLU A 8 -3.23 -1.47 -0.81
N PHE A 9 -3.56 -0.19 -0.92
CA PHE A 9 -2.71 0.76 -1.63
C PHE A 9 -1.42 1.00 -0.86
N ARG A 10 -1.48 0.81 0.45
CA ARG A 10 -0.31 1.01 1.31
C ARG A 10 0.69 -0.14 1.13
N LYS A 11 0.17 -1.33 0.89
CA LYS A 11 1.00 -2.51 0.69
C LYS A 11 1.71 -2.45 -0.65
N LYS A 12 1.04 -1.88 -1.64
CA LYS A 12 1.60 -1.75 -2.99
C LYS A 12 2.66 -0.65 -3.02
N TRP A 13 2.47 0.37 -2.18
CA TRP A 13 3.40 1.49 -2.12
C TRP A 13 4.55 1.18 -1.16
N ASN A 14 4.26 0.43 -0.11
CA ASN A 14 5.26 0.05 0.87
C ASN A 14 6.39 -0.73 0.23
N LYS A 15 6.04 -1.63 -0.67
CA LYS A 15 7.03 -2.46 -1.37
C LYS A 15 8.02 -1.57 -2.13
N TRP A 16 7.53 -0.44 -2.62
CA TRP A 16 8.37 0.49 -3.37
C TRP A 16 9.46 1.07 -2.47
N ALA A 17 9.10 1.38 -1.23
CA ALA A 17 10.04 1.95 -0.27
C ALA A 17 11.15 0.96 0.04
N LEU A 18 10.82 -0.33 0.03
CA LEU A 18 11.80 -1.37 0.31
C LEU A 18 12.75 -1.51 -0.86
N SER A 19 12.20 -1.51 -2.07
CA SER A 19 12.99 -1.64 -3.29
C SER A 19 13.80 -0.36 -3.54
N ARG A 20 13.28 0.76 -3.07
CA ARG A 20 13.95 2.05 -3.25
C ARG A 20 15.24 2.10 -2.43
N ALA A 1 -15.97 -1.33 0.84
CA ALA A 1 -15.80 -0.10 1.67
C ALA A 1 -14.57 0.69 1.24
N ARG A 2 -14.42 1.88 1.81
CA ARG A 2 -13.28 2.74 1.48
C ARG A 2 -12.19 2.61 2.53
N LEU A 3 -12.10 1.44 3.16
CA LEU A 3 -11.09 1.20 4.19
C LEU A 3 -10.13 0.11 3.74
N ASP A 4 -10.67 -1.01 3.30
CA ASP A 4 -9.85 -2.13 2.84
C ASP A 4 -8.94 -1.70 1.70
N VAL A 5 -9.44 -0.78 0.88
CA VAL A 5 -8.67 -0.28 -0.26
C VAL A 5 -7.54 0.62 0.21
N ALA A 6 -7.84 1.49 1.18
CA ALA A 6 -6.85 2.40 1.71
C ALA A 6 -5.66 1.64 2.26
N SER A 7 -5.92 0.47 2.83
CA SER A 7 -4.87 -0.38 3.39
C SER A 7 -4.08 -1.05 2.28
N GLU A 8 -4.77 -1.43 1.21
CA GLU A 8 -4.12 -2.08 0.08
C GLU A 8 -3.14 -1.12 -0.60
N PHE A 9 -3.53 0.15 -0.68
CA PHE A 9 -2.69 1.17 -1.29
C PHE A 9 -1.38 1.32 -0.51
N ARG A 10 -1.45 1.08 0.79
CA ARG A 10 -0.27 1.19 1.64
C ARG A 10 0.74 0.10 1.29
N LYS A 11 0.23 -1.06 0.89
CA LYS A 11 1.09 -2.19 0.53
C LYS A 11 1.89 -1.87 -0.72
N LYS A 12 1.30 -1.06 -1.60
CA LYS A 12 1.97 -0.66 -2.84
C LYS A 12 3.14 0.26 -2.56
N TRP A 13 2.97 1.14 -1.57
CA TRP A 13 4.02 2.09 -1.20
C TRP A 13 5.16 1.37 -0.50
N ASN A 14 4.83 0.34 0.28
CA ASN A 14 5.83 -0.43 1.00
C ASN A 14 6.81 -1.09 0.04
N LYS A 15 6.28 -1.58 -1.08
CA LYS A 15 7.11 -2.24 -2.09
C LYS A 15 8.10 -1.26 -2.70
N TRP A 16 7.68 -0.01 -2.82
CA TRP A 16 8.53 1.02 -3.40
C TRP A 16 9.68 1.34 -2.45
N ALA A 17 9.41 1.25 -1.16
CA ALA A 17 10.43 1.52 -0.15
C ALA A 17 11.38 0.35 -0.03
N LEU A 18 10.85 -0.86 -0.15
CA LEU A 18 11.66 -2.07 -0.07
C LEU A 18 12.41 -2.31 -1.37
N SER A 19 11.89 -1.75 -2.46
CA SER A 19 12.50 -1.90 -3.77
C SER A 19 13.51 -0.79 -4.02
N ARG A 20 13.30 0.37 -3.39
CA ARG A 20 14.19 1.52 -3.56
C ARG A 20 15.35 1.43 -2.57
N ALA A 1 -16.19 -0.59 -0.09
CA ALA A 1 -15.43 -0.25 1.14
C ALA A 1 -14.23 0.61 0.83
N ARG A 2 -13.81 1.44 1.79
CA ARG A 2 -12.67 2.32 1.60
C ARG A 2 -11.47 1.82 2.40
N LEU A 3 -11.73 1.12 3.50
CA LEU A 3 -10.66 0.60 4.35
C LEU A 3 -9.77 -0.35 3.56
N ASP A 4 -10.38 -1.24 2.79
CA ASP A 4 -9.63 -2.20 1.99
C ASP A 4 -8.69 -1.48 1.02
N VAL A 5 -9.16 -0.35 0.48
CA VAL A 5 -8.36 0.43 -0.46
C VAL A 5 -7.27 1.20 0.27
N ALA A 6 -7.66 1.85 1.37
CA ALA A 6 -6.71 2.63 2.16
C ALA A 6 -5.58 1.75 2.69
N SER A 7 -5.92 0.49 2.97
CA SER A 7 -4.94 -0.46 3.47
C SER A 7 -4.15 -1.08 2.33
N GLU A 8 -4.83 -1.38 1.23
CA GLU A 8 -4.18 -1.96 0.07
C GLU A 8 -3.19 -0.99 -0.54
N PHE A 9 -3.53 0.30 -0.47
CA PHE A 9 -2.66 1.35 -1.00
C PHE A 9 -1.36 1.42 -0.21
N ARG A 10 -1.42 1.06 1.06
CA ARG A 10 -0.24 1.10 1.92
C ARG A 10 0.75 0.01 1.50
N LYS A 11 0.23 -1.11 1.03
CA LYS A 11 1.06 -2.22 0.59
C LYS A 11 1.88 -1.82 -0.64
N LYS A 12 1.30 -0.97 -1.48
CA LYS A 12 1.96 -0.51 -2.68
C LYS A 12 3.14 0.40 -2.34
N TRP A 13 2.97 1.22 -1.31
CA TRP A 13 4.02 2.12 -0.87
C TRP A 13 5.14 1.36 -0.18
N ASN A 14 4.77 0.36 0.61
CA ASN A 14 5.75 -0.45 1.33
C ASN A 14 6.68 -1.17 0.37
N LYS A 15 6.12 -1.67 -0.73
CA LYS A 15 6.91 -2.38 -1.73
C LYS A 15 7.82 -1.42 -2.49
N TRP A 16 7.36 -0.18 -2.66
CA TRP A 16 8.14 0.82 -3.36
C TRP A 16 9.34 1.24 -2.53
N ALA A 17 9.17 1.21 -1.21
CA ALA A 17 10.25 1.58 -0.30
C ALA A 17 11.25 0.45 -0.17
N LEU A 18 10.75 -0.78 -0.21
CA LEU A 18 11.61 -1.96 -0.09
C LEU A 18 12.27 -2.27 -1.44
N SER A 19 11.64 -1.80 -2.52
CA SER A 19 12.17 -2.02 -3.86
C SER A 19 13.06 -0.86 -4.30
N ARG A 20 12.78 0.32 -3.75
CA ARG A 20 13.56 1.51 -4.09
C ARG A 20 14.88 1.54 -3.32
N ALA A 1 -17.00 3.24 1.61
CA ALA A 1 -15.98 2.37 2.27
C ALA A 1 -14.68 2.35 1.49
N ARG A 2 -13.60 2.82 2.12
CA ARG A 2 -12.29 2.86 1.48
C ARG A 2 -11.22 2.33 2.43
N LEU A 3 -11.59 1.34 3.24
CA LEU A 3 -10.65 0.74 4.18
C LEU A 3 -9.86 -0.39 3.53
N ASP A 4 -10.57 -1.28 2.84
CA ASP A 4 -9.93 -2.41 2.17
C ASP A 4 -8.92 -1.92 1.14
N VAL A 5 -9.20 -0.78 0.53
CA VAL A 5 -8.31 -0.20 -0.47
C VAL A 5 -7.13 0.51 0.19
N ALA A 6 -7.42 1.25 1.26
CA ALA A 6 -6.38 1.97 1.98
C ALA A 6 -5.29 1.02 2.47
N SER A 7 -5.68 -0.22 2.74
CA SER A 7 -4.75 -1.23 3.20
C SER A 7 -3.98 -1.85 2.03
N GLU A 8 -4.71 -2.13 0.95
CA GLU A 8 -4.10 -2.71 -0.24
C GLU A 8 -3.12 -1.73 -0.87
N PHE A 9 -3.51 -0.46 -0.91
CA PHE A 9 -2.66 0.58 -1.48
C PHE A 9 -1.41 0.78 -0.62
N ARG A 10 -1.52 0.48 0.66
CA ARG A 10 -0.41 0.62 1.59
C ARG A 10 0.64 -0.45 1.32
N LYS A 11 0.18 -1.66 0.97
CA LYS A 11 1.08 -2.77 0.68
C LYS A 11 1.88 -2.49 -0.59
N LYS A 12 1.26 -1.79 -1.53
CA LYS A 12 1.92 -1.47 -2.79
C LYS A 12 3.03 -0.44 -2.57
N TRP A 13 2.77 0.51 -1.68
CA TRP A 13 3.74 1.55 -1.37
C TRP A 13 4.90 0.98 -0.55
N ASN A 14 4.60 0.01 0.30
CA ASN A 14 5.61 -0.62 1.13
C ASN A 14 6.74 -1.20 0.27
N LYS A 15 6.38 -1.95 -0.75
CA LYS A 15 7.36 -2.55 -1.64
C LYS A 15 8.12 -1.48 -2.41
N TRP A 16 7.46 -0.36 -2.68
CA TRP A 16 8.08 0.73 -3.40
C TRP A 16 9.14 1.41 -2.54
N ALA A 17 8.88 1.48 -1.24
CA ALA A 17 9.82 2.08 -0.31
C ALA A 17 11.01 1.16 -0.07
N LEU A 18 10.73 -0.14 0.01
CA LEU A 18 11.79 -1.13 0.22
C LEU A 18 12.57 -1.37 -1.07
N SER A 19 11.93 -1.08 -2.21
CA SER A 19 12.58 -1.27 -3.50
C SER A 19 13.35 -0.01 -3.91
N ARG A 20 12.89 1.14 -3.43
CA ARG A 20 13.54 2.41 -3.75
C ARG A 20 14.84 2.56 -2.96
N ALA A 1 -17.65 0.39 1.09
CA ALA A 1 -16.58 0.88 2.01
C ALA A 1 -15.31 1.22 1.24
N ARG A 2 -14.32 1.74 1.94
CA ARG A 2 -13.05 2.11 1.32
C ARG A 2 -11.89 1.90 2.30
N LEU A 3 -12.03 0.92 3.18
CA LEU A 3 -10.99 0.62 4.16
C LEU A 3 -9.95 -0.32 3.57
N ASP A 4 -10.41 -1.39 2.94
CA ASP A 4 -9.51 -2.37 2.33
C ASP A 4 -8.62 -1.71 1.29
N VAL A 5 -9.15 -0.69 0.63
CA VAL A 5 -8.41 0.04 -0.39
C VAL A 5 -7.28 0.86 0.24
N ALA A 6 -7.60 1.55 1.32
CA ALA A 6 -6.60 2.35 2.02
C ALA A 6 -5.43 1.50 2.48
N SER A 7 -5.72 0.25 2.82
CA SER A 7 -4.69 -0.67 3.27
C SER A 7 -3.89 -1.21 2.09
N GLU A 8 -4.59 -1.43 0.97
CA GLU A 8 -3.94 -1.94 -0.23
C GLU A 8 -2.95 -0.91 -0.78
N PHE A 9 -3.32 0.36 -0.69
CA PHE A 9 -2.47 1.44 -1.17
C PHE A 9 -1.19 1.51 -0.36
N ARG A 10 -1.26 1.10 0.90
CA ARG A 10 -0.10 1.11 1.78
C ARG A 10 0.91 0.05 1.34
N LYS A 11 0.39 -1.11 0.93
CA LYS A 11 1.24 -2.20 0.47
C LYS A 11 2.00 -1.80 -0.78
N LYS A 12 1.35 -0.99 -1.62
CA LYS A 12 1.98 -0.53 -2.86
C LYS A 12 3.12 0.43 -2.56
N TRP A 13 2.98 1.18 -1.47
CA TRP A 13 4.00 2.13 -1.06
C TRP A 13 5.13 1.43 -0.30
N ASN A 14 4.74 0.54 0.61
CA ASN A 14 5.72 -0.19 1.41
C ASN A 14 6.66 -0.98 0.51
N LYS A 15 6.10 -1.72 -0.43
CA LYS A 15 6.89 -2.52 -1.36
C LYS A 15 7.84 -1.61 -2.16
N TRP A 16 7.37 -0.41 -2.45
CA TRP A 16 8.18 0.55 -3.20
C TRP A 16 9.40 0.97 -2.40
N ALA A 17 9.24 1.05 -1.08
CA ALA A 17 10.34 1.45 -0.20
C ALA A 17 11.40 0.36 -0.14
N LEU A 18 10.98 -0.89 -0.32
CA LEU A 18 11.89 -2.02 -0.29
C LEU A 18 12.63 -2.13 -1.62
N SER A 19 11.91 -1.83 -2.70
CA SER A 19 12.48 -1.89 -4.04
C SER A 19 13.32 -0.65 -4.34
N ARG A 20 12.97 0.47 -3.70
CA ARG A 20 13.70 1.71 -3.91
C ARG A 20 15.00 1.72 -3.11
N ALA A 1 -15.44 3.46 4.55
CA ALA A 1 -15.36 2.77 3.23
C ALA A 1 -13.94 2.86 2.66
N ARG A 2 -13.76 2.33 1.45
CA ARG A 2 -12.47 2.34 0.78
C ARG A 2 -11.37 1.83 1.71
N LEU A 3 -11.73 0.89 2.58
CA LEU A 3 -10.77 0.32 3.53
C LEU A 3 -9.91 -0.73 2.84
N ASP A 4 -10.55 -1.64 2.10
CA ASP A 4 -9.84 -2.70 1.40
C ASP A 4 -8.80 -2.10 0.44
N VAL A 5 -9.18 -1.01 -0.22
CA VAL A 5 -8.29 -0.35 -1.16
C VAL A 5 -7.26 0.51 -0.43
N ALA A 6 -7.73 1.24 0.57
CA ALA A 6 -6.85 2.11 1.35
C ALA A 6 -5.77 1.28 2.05
N SER A 7 -6.11 0.05 2.40
CA SER A 7 -5.17 -0.85 3.07
C SER A 7 -4.26 -1.53 2.05
N GLU A 8 -4.85 -1.92 0.92
CA GLU A 8 -4.08 -2.58 -0.14
C GLU A 8 -3.07 -1.61 -0.74
N PHE A 9 -3.48 -0.36 -0.88
CA PHE A 9 -2.60 0.66 -1.44
C PHE A 9 -1.43 0.93 -0.51
N ARG A 10 -1.65 0.71 0.78
CA ARG A 10 -0.61 0.93 1.78
C ARG A 10 0.48 -0.14 1.66
N LYS A 11 0.07 -1.37 1.36
CA LYS A 11 1.00 -2.47 1.22
C LYS A 11 1.88 -2.28 -0.02
N LYS A 12 1.32 -1.65 -1.04
CA LYS A 12 2.06 -1.39 -2.27
C LYS A 12 3.15 -0.34 -2.04
N TRP A 13 2.87 0.60 -1.16
CA TRP A 13 3.82 1.66 -0.85
C TRP A 13 5.00 1.11 -0.06
N ASN A 14 4.72 0.16 0.83
CA ASN A 14 5.76 -0.45 1.65
C ASN A 14 6.82 -1.12 0.77
N LYS A 15 6.36 -2.02 -0.09
CA LYS A 15 7.27 -2.73 -0.99
C LYS A 15 7.98 -1.75 -1.92
N TRP A 16 7.31 -0.66 -2.25
CA TRP A 16 7.88 0.36 -3.13
C TRP A 16 9.04 1.06 -2.45
N ALA A 17 8.91 1.29 -1.15
CA ALA A 17 9.95 1.94 -0.38
C ALA A 17 11.22 1.08 -0.32
N LEU A 18 11.02 -0.23 -0.29
CA LEU A 18 12.15 -1.16 -0.24
C LEU A 18 12.83 -1.21 -1.60
N SER A 19 12.02 -1.24 -2.65
CA SER A 19 12.54 -1.29 -4.02
C SER A 19 13.19 0.04 -4.39
N ARG A 20 12.71 1.12 -3.79
CA ARG A 20 13.24 2.45 -4.07
C ARG A 20 14.70 2.55 -3.62
N ALA A 1 -14.93 -2.20 1.41
CA ALA A 1 -15.10 -0.81 1.88
C ALA A 1 -13.92 0.06 1.46
N ARG A 2 -13.98 1.34 1.83
CA ARG A 2 -12.91 2.27 1.48
C ARG A 2 -11.63 1.93 2.23
N LEU A 3 -11.77 1.39 3.42
CA LEU A 3 -10.62 1.02 4.24
C LEU A 3 -9.77 -0.03 3.52
N ASP A 4 -10.42 -1.01 2.91
CA ASP A 4 -9.73 -2.06 2.18
C ASP A 4 -8.85 -1.48 1.09
N VAL A 5 -9.35 -0.45 0.41
CA VAL A 5 -8.61 0.21 -0.65
C VAL A 5 -7.49 1.07 -0.08
N ALA A 6 -7.83 1.87 0.93
CA ALA A 6 -6.87 2.76 1.56
C ALA A 6 -5.72 1.94 2.18
N SER A 7 -6.07 0.78 2.71
CA SER A 7 -5.08 -0.10 3.34
C SER A 7 -4.29 -0.84 2.26
N GLU A 8 -4.97 -1.20 1.17
CA GLU A 8 -4.34 -1.92 0.08
C GLU A 8 -3.34 -1.01 -0.64
N PHE A 9 -3.73 0.24 -0.83
CA PHE A 9 -2.88 1.21 -1.51
C PHE A 9 -1.64 1.50 -0.67
N ARG A 10 -1.79 1.39 0.66
CA ARG A 10 -0.68 1.64 1.57
C ARG A 10 0.35 0.52 1.48
N LYS A 11 -0.12 -0.69 1.21
CA LYS A 11 0.77 -1.84 1.08
C LYS A 11 1.65 -1.70 -0.15
N LYS A 12 1.08 -1.13 -1.21
CA LYS A 12 1.83 -0.93 -2.46
C LYS A 12 2.98 0.04 -2.24
N TRP A 13 2.74 1.04 -1.40
CA TRP A 13 3.76 2.04 -1.10
C TRP A 13 4.95 1.41 -0.38
N ASN A 14 4.65 0.53 0.57
CA ASN A 14 5.69 -0.15 1.33
C ASN A 14 6.62 -0.94 0.41
N LYS A 15 6.04 -1.59 -0.59
CA LYS A 15 6.80 -2.38 -1.55
C LYS A 15 7.79 -1.49 -2.30
N TRP A 16 7.41 -0.23 -2.51
CA TRP A 16 8.27 0.71 -3.21
C TRP A 16 9.53 1.01 -2.41
N ALA A 17 9.37 1.11 -1.10
CA ALA A 17 10.49 1.38 -0.21
C ALA A 17 11.49 0.24 -0.24
N LEU A 18 11.00 -0.97 -0.41
CA LEU A 18 11.85 -2.15 -0.46
C LEU A 18 12.65 -2.16 -1.76
N SER A 19 11.97 -1.86 -2.85
CA SER A 19 12.61 -1.81 -4.16
C SER A 19 13.64 -0.69 -4.22
N ARG A 20 13.40 0.37 -3.46
CA ARG A 20 14.30 1.51 -3.43
C ARG A 20 15.71 1.09 -2.99
N ALA A 1 -16.34 0.78 -0.51
CA ALA A 1 -15.47 0.75 0.68
C ALA A 1 -14.12 1.40 0.41
N ARG A 2 -13.63 2.16 1.38
CA ARG A 2 -12.36 2.85 1.23
C ARG A 2 -11.30 2.24 2.15
N LEU A 3 -11.74 1.70 3.28
CA LEU A 3 -10.82 1.08 4.23
C LEU A 3 -10.06 -0.06 3.59
N ASP A 4 -10.72 -0.78 2.69
CA ASP A 4 -10.10 -1.90 2.00
C ASP A 4 -9.00 -1.41 1.06
N VAL A 5 -9.21 -0.23 0.49
CA VAL A 5 -8.23 0.36 -0.42
C VAL A 5 -7.11 1.01 0.34
N ALA A 6 -7.44 1.63 1.48
CA ALA A 6 -6.46 2.29 2.31
C ALA A 6 -5.41 1.30 2.80
N SER A 7 -5.84 0.06 3.01
CA SER A 7 -4.94 -0.99 3.45
C SER A 7 -4.12 -1.55 2.30
N GLU A 8 -4.76 -1.70 1.14
CA GLU A 8 -4.09 -2.20 -0.05
C GLU A 8 -3.00 -1.23 -0.50
N PHE A 9 -3.30 0.06 -0.40
CA PHE A 9 -2.35 1.09 -0.79
C PHE A 9 -1.11 1.04 0.10
N ARG A 10 -1.30 0.61 1.35
CA ARG A 10 -0.19 0.51 2.29
C ARG A 10 0.77 -0.60 1.88
N LYS A 11 0.23 -1.69 1.38
CA LYS A 11 1.04 -2.82 0.93
C LYS A 11 1.84 -2.45 -0.30
N LYS A 12 1.22 -1.65 -1.19
CA LYS A 12 1.87 -1.23 -2.42
C LYS A 12 2.98 -0.23 -2.11
N TRP A 13 2.80 0.54 -1.04
CA TRP A 13 3.79 1.54 -0.64
C TRP A 13 4.99 0.88 0.04
N ASN A 14 4.72 -0.18 0.79
CA ASN A 14 5.79 -0.90 1.49
C ASN A 14 6.80 -1.45 0.51
N LYS A 15 6.32 -2.20 -0.48
CA LYS A 15 7.20 -2.78 -1.49
C LYS A 15 7.93 -1.69 -2.26
N TRP A 16 7.27 -0.55 -2.44
CA TRP A 16 7.86 0.57 -3.15
C TRP A 16 9.05 1.14 -2.39
N ALA A 17 8.95 1.10 -1.06
CA ALA A 17 10.02 1.60 -0.21
C ALA A 17 11.26 0.72 -0.31
N LEU A 18 11.03 -0.57 -0.51
CA LEU A 18 12.13 -1.53 -0.63
C LEU A 18 12.79 -1.39 -2.00
N SER A 19 11.97 -1.27 -3.03
CA SER A 19 12.46 -1.12 -4.39
C SER A 19 12.85 0.33 -4.69
N ARG A 20 12.49 1.24 -3.77
CA ARG A 20 12.80 2.66 -3.94
C ARG A 20 14.28 2.87 -4.26
N ALA A 1 -16.73 0.14 0.90
CA ALA A 1 -15.29 -0.20 0.99
C ALA A 1 -14.44 1.07 1.14
N ARG A 2 -13.50 1.02 2.08
CA ARG A 2 -12.62 2.17 2.34
C ARG A 2 -11.30 1.71 2.94
N LEU A 3 -11.39 0.84 3.94
CA LEU A 3 -10.20 0.33 4.62
C LEU A 3 -9.44 -0.62 3.71
N ASP A 4 -10.17 -1.37 2.88
CA ASP A 4 -9.55 -2.32 1.97
C ASP A 4 -8.71 -1.60 0.92
N VAL A 5 -9.16 -0.40 0.53
CA VAL A 5 -8.47 0.40 -0.46
C VAL A 5 -7.31 1.17 0.18
N ALA A 6 -7.60 1.81 1.31
CA ALA A 6 -6.59 2.58 2.02
C ALA A 6 -5.46 1.67 2.50
N SER A 7 -5.80 0.41 2.78
CA SER A 7 -4.82 -0.55 3.23
C SER A 7 -4.07 -1.16 2.06
N GLU A 8 -4.79 -1.40 0.97
CA GLU A 8 -4.19 -1.96 -0.23
C GLU A 8 -3.23 -0.97 -0.87
N PHE A 9 -3.60 0.31 -0.85
CA PHE A 9 -2.76 1.36 -1.42
C PHE A 9 -1.49 1.54 -0.59
N ARG A 10 -1.59 1.23 0.70
CA ARG A 10 -0.44 1.36 1.59
C ARG A 10 0.58 0.26 1.32
N LYS A 11 0.08 -0.93 1.00
CA LYS A 11 0.94 -2.07 0.71
C LYS A 11 1.68 -1.87 -0.61
N LYS A 12 1.04 -1.15 -1.53
CA LYS A 12 1.63 -0.88 -2.83
C LYS A 12 2.77 0.15 -2.72
N TRP A 13 2.64 1.05 -1.75
CA TRP A 13 3.65 2.08 -1.54
C TRP A 13 4.82 1.54 -0.73
N ASN A 14 4.52 0.66 0.23
CA ASN A 14 5.55 0.07 1.07
C ASN A 14 6.55 -0.71 0.23
N LYS A 15 6.06 -1.42 -0.77
CA LYS A 15 6.92 -2.21 -1.66
C LYS A 15 7.91 -1.31 -2.39
N TRP A 16 7.50 -0.08 -2.65
CA TRP A 16 8.36 0.87 -3.35
C TRP A 16 9.55 1.25 -2.48
N ALA A 17 9.32 1.31 -1.17
CA ALA A 17 10.38 1.65 -0.24
C ALA A 17 11.32 0.46 -0.05
N LEU A 18 10.75 -0.74 0.00
CA LEU A 18 11.55 -1.94 0.17
C LEU A 18 12.23 -2.33 -1.14
N SER A 19 11.67 -1.86 -2.25
CA SER A 19 12.22 -2.16 -3.57
C SER A 19 13.25 -1.10 -3.97
N ARG A 20 13.12 0.11 -3.43
CA ARG A 20 14.04 1.18 -3.74
C ARG A 20 15.12 1.30 -2.67
N ALA A 1 -17.02 2.04 2.48
CA ALA A 1 -15.71 2.40 3.09
C ALA A 1 -14.55 2.03 2.18
N ARG A 2 -13.56 2.91 2.09
CA ARG A 2 -12.39 2.68 1.25
C ARG A 2 -11.19 2.24 2.09
N LEU A 3 -11.48 1.57 3.20
CA LEU A 3 -10.42 1.10 4.09
C LEU A 3 -9.66 -0.07 3.47
N ASP A 4 -10.41 -1.06 2.99
CA ASP A 4 -9.81 -2.23 2.37
C ASP A 4 -8.91 -1.83 1.20
N VAL A 5 -9.30 -0.77 0.50
CA VAL A 5 -8.53 -0.27 -0.63
C VAL A 5 -7.34 0.55 -0.16
N ALA A 6 -7.60 1.47 0.76
CA ALA A 6 -6.54 2.31 1.31
C ALA A 6 -5.47 1.47 1.97
N SER A 7 -5.88 0.33 2.54
CA SER A 7 -4.95 -0.57 3.20
C SER A 7 -4.20 -1.42 2.17
N GLU A 8 -4.90 -1.84 1.14
CA GLU A 8 -4.29 -2.65 0.08
C GLU A 8 -3.24 -1.83 -0.67
N PHE A 9 -3.56 -0.58 -0.95
CA PHE A 9 -2.64 0.31 -1.65
C PHE A 9 -1.39 0.54 -0.82
N ARG A 10 -1.54 0.49 0.50
CA ARG A 10 -0.42 0.68 1.41
C ARG A 10 0.58 -0.46 1.28
N LYS A 11 0.06 -1.66 1.04
CA LYS A 11 0.90 -2.84 0.90
C LYS A 11 1.74 -2.75 -0.37
N LYS A 12 1.14 -2.26 -1.45
CA LYS A 12 1.83 -2.12 -2.73
C LYS A 12 2.90 -1.03 -2.63
N TRP A 13 2.62 0.00 -1.83
CA TRP A 13 3.56 1.10 -1.65
C TRP A 13 4.75 0.66 -0.81
N ASN A 14 4.52 -0.29 0.10
CA ASN A 14 5.58 -0.79 0.97
C ASN A 14 6.76 -1.33 0.15
N LYS A 15 6.45 -1.91 -1.01
CA LYS A 15 7.47 -2.45 -1.88
C LYS A 15 8.27 -1.34 -2.55
N TRP A 16 7.61 -0.21 -2.79
CA TRP A 16 8.26 0.93 -3.42
C TRP A 16 9.28 1.55 -2.47
N ALA A 17 8.96 1.54 -1.19
CA ALA A 17 9.86 2.09 -0.18
C ALA A 17 11.04 1.16 0.06
N LEU A 18 10.77 -0.14 0.04
CA LEU A 18 11.81 -1.14 0.25
C LEU A 18 12.65 -1.30 -1.02
N SER A 19 12.07 -0.94 -2.17
CA SER A 19 12.76 -1.04 -3.45
C SER A 19 13.57 0.22 -3.72
N ARG A 20 13.12 1.34 -3.18
CA ARG A 20 13.80 2.61 -3.37
C ARG A 20 15.18 2.59 -2.70
N ALA A 1 -17.30 2.42 1.81
CA ALA A 1 -16.00 3.10 2.05
C ALA A 1 -14.87 2.38 1.31
N ARG A 2 -13.65 2.87 1.51
CA ARG A 2 -12.47 2.27 0.87
C ARG A 2 -11.50 1.75 1.92
N LEU A 3 -11.95 0.78 2.71
CA LEU A 3 -11.12 0.19 3.75
C LEU A 3 -10.09 -0.76 3.16
N ASP A 4 -10.58 -1.81 2.47
CA ASP A 4 -9.69 -2.78 1.85
C ASP A 4 -8.73 -2.10 0.90
N VAL A 5 -9.19 -1.03 0.26
CA VAL A 5 -8.36 -0.29 -0.68
C VAL A 5 -7.33 0.55 0.06
N ALA A 6 -7.75 1.19 1.15
CA ALA A 6 -6.86 2.01 1.94
C ALA A 6 -5.71 1.17 2.51
N SER A 7 -6.00 -0.09 2.78
CA SER A 7 -4.99 -1.01 3.31
C SER A 7 -4.10 -1.54 2.19
N GLU A 8 -4.70 -1.81 1.05
CA GLU A 8 -3.97 -2.32 -0.10
C GLU A 8 -2.98 -1.27 -0.61
N PHE A 9 -3.40 -0.01 -0.57
CA PHE A 9 -2.55 1.09 -1.01
C PHE A 9 -1.33 1.22 -0.11
N ARG A 10 -1.48 0.84 1.15
CA ARG A 10 -0.38 0.91 2.11
C ARG A 10 0.68 -0.15 1.78
N LYS A 11 0.22 -1.32 1.36
CA LYS A 11 1.12 -2.41 1.00
C LYS A 11 1.96 -2.04 -0.22
N LYS A 12 1.38 -1.22 -1.09
CA LYS A 12 2.06 -0.79 -2.31
C LYS A 12 3.21 0.15 -1.98
N TRP A 13 3.04 0.95 -0.92
CA TRP A 13 4.07 1.89 -0.50
C TRP A 13 5.24 1.15 0.15
N ASN A 14 4.92 0.15 0.96
CA ASN A 14 5.95 -0.63 1.64
C ASN A 14 6.90 -1.28 0.62
N LYS A 15 6.33 -1.99 -0.34
CA LYS A 15 7.12 -2.64 -1.37
C LYS A 15 7.91 -1.61 -2.17
N TRP A 16 7.33 -0.45 -2.36
CA TRP A 16 7.98 0.63 -3.10
C TRP A 16 9.24 1.10 -2.38
N ALA A 17 9.17 1.17 -1.05
CA ALA A 17 10.31 1.59 -0.26
C ALA A 17 11.47 0.62 -0.39
N LEU A 18 11.14 -0.67 -0.54
CA LEU A 18 12.16 -1.70 -0.70
C LEU A 18 12.80 -1.60 -2.07
N SER A 19 11.96 -1.44 -3.09
CA SER A 19 12.44 -1.32 -4.47
C SER A 19 13.10 0.03 -4.71
N ARG A 20 12.70 1.03 -3.91
CA ARG A 20 13.26 2.37 -4.04
C ARG A 20 14.77 2.35 -3.86
N ALA A 1 -17.02 0.44 2.41
CA ALA A 1 -15.75 0.45 3.18
C ALA A 1 -14.59 0.94 2.33
N ARG A 2 -13.79 1.84 2.89
CA ARG A 2 -12.64 2.40 2.18
C ARG A 2 -11.34 2.06 2.90
N LEU A 3 -11.31 0.91 3.58
CA LEU A 3 -10.13 0.48 4.31
C LEU A 3 -9.34 -0.53 3.49
N ASP A 4 -10.03 -1.51 2.93
CA ASP A 4 -9.39 -2.53 2.12
C ASP A 4 -8.64 -1.90 0.95
N VAL A 5 -9.19 -0.83 0.41
CA VAL A 5 -8.58 -0.12 -0.71
C VAL A 5 -7.45 0.78 -0.23
N ALA A 6 -7.72 1.58 0.80
CA ALA A 6 -6.72 2.48 1.36
C ALA A 6 -5.54 1.70 1.93
N SER A 7 -5.84 0.49 2.42
CA SER A 7 -4.81 -0.36 2.99
C SER A 7 -4.03 -1.07 1.88
N GLU A 8 -4.73 -1.42 0.81
CA GLU A 8 -4.11 -2.09 -0.32
C GLU A 8 -3.16 -1.15 -1.04
N PHE A 9 -3.58 0.10 -1.21
CA PHE A 9 -2.76 1.11 -1.87
C PHE A 9 -1.52 1.41 -1.05
N ARG A 10 -1.62 1.28 0.26
CA ARG A 10 -0.50 1.53 1.14
C ARG A 10 0.53 0.42 1.04
N LYS A 11 0.05 -0.81 0.88
CA LYS A 11 0.93 -1.97 0.75
C LYS A 11 1.69 -1.90 -0.56
N LYS A 12 1.06 -1.32 -1.57
CA LYS A 12 1.68 -1.19 -2.89
C LYS A 12 2.82 -0.17 -2.84
N TRP A 13 2.58 0.94 -2.15
CA TRP A 13 3.58 1.99 -2.02
C TRP A 13 4.69 1.56 -1.06
N ASN A 14 4.31 0.82 -0.02
CA ASN A 14 5.28 0.35 0.97
C ASN A 14 6.31 -0.56 0.32
N LYS A 15 5.85 -1.44 -0.55
CA LYS A 15 6.73 -2.37 -1.25
C LYS A 15 7.78 -1.61 -2.07
N TRP A 16 7.37 -0.47 -2.62
CA TRP A 16 8.28 0.35 -3.42
C TRP A 16 9.44 0.86 -2.57
N ALA A 17 9.13 1.29 -1.34
CA ALA A 17 10.15 1.78 -0.43
C ALA A 17 11.18 0.70 -0.11
N LEU A 18 10.72 -0.54 -0.08
CA LEU A 18 11.61 -1.67 0.21
C LEU A 18 12.58 -1.88 -0.96
N SER A 19 12.03 -1.83 -2.17
CA SER A 19 12.84 -2.01 -3.38
C SER A 19 13.88 -0.91 -3.48
N ARG A 20 13.56 0.27 -2.96
CA ARG A 20 14.47 1.41 -3.00
C ARG A 20 15.64 1.19 -2.04
N ALA A 1 -17.09 1.49 2.07
CA ALA A 1 -15.86 1.23 2.88
C ALA A 1 -14.63 1.14 1.98
N ARG A 2 -13.75 2.14 2.09
CA ARG A 2 -12.54 2.17 1.30
C ARG A 2 -11.34 1.68 2.11
N LEU A 3 -11.61 0.76 3.04
CA LEU A 3 -10.55 0.21 3.89
C LEU A 3 -9.64 -0.70 3.08
N ASP A 4 -10.23 -1.61 2.31
CA ASP A 4 -9.47 -2.53 1.49
C ASP A 4 -8.57 -1.78 0.51
N VAL A 5 -9.04 -0.62 0.05
CA VAL A 5 -8.27 0.20 -0.88
C VAL A 5 -7.20 0.99 -0.14
N ALA A 6 -7.60 1.64 0.95
CA ALA A 6 -6.66 2.43 1.74
C ALA A 6 -5.57 1.54 2.34
N SER A 7 -5.94 0.29 2.64
CA SER A 7 -5.00 -0.66 3.21
C SER A 7 -4.16 -1.30 2.10
N GLU A 8 -4.79 -1.56 0.96
CA GLU A 8 -4.10 -2.16 -0.16
C GLU A 8 -3.08 -1.17 -0.75
N PHE A 9 -3.46 0.09 -0.81
CA PHE A 9 -2.60 1.13 -1.34
C PHE A 9 -1.40 1.35 -0.42
N ARG A 10 -1.59 1.08 0.87
CA ARG A 10 -0.52 1.24 1.85
C ARG A 10 0.51 0.13 1.70
N LYS A 11 0.05 -1.07 1.39
CA LYS A 11 0.94 -2.20 1.21
C LYS A 11 1.77 -2.05 -0.06
N LYS A 12 1.18 -1.40 -1.07
CA LYS A 12 1.86 -1.18 -2.34
C LYS A 12 2.95 -0.13 -2.18
N TRP A 13 2.74 0.81 -1.26
CA TRP A 13 3.71 1.87 -1.01
C TRP A 13 4.94 1.32 -0.27
N ASN A 14 4.70 0.36 0.62
CA ASN A 14 5.78 -0.24 1.40
C ASN A 14 6.76 -0.96 0.47
N LYS A 15 6.24 -1.58 -0.58
CA LYS A 15 7.07 -2.30 -1.53
C LYS A 15 7.96 -1.34 -2.31
N TRP A 16 7.46 -0.13 -2.54
CA TRP A 16 8.21 0.88 -3.27
C TRP A 16 9.42 1.33 -2.46
N ALA A 17 9.26 1.34 -1.14
CA ALA A 17 10.34 1.76 -0.26
C ALA A 17 11.36 0.64 -0.09
N LEU A 18 10.88 -0.60 -0.15
CA LEU A 18 11.75 -1.76 -0.02
C LEU A 18 12.36 -2.13 -1.37
N SER A 19 11.82 -1.56 -2.45
CA SER A 19 12.32 -1.84 -3.78
C SER A 19 13.16 -0.68 -4.31
N ARG A 20 12.91 0.52 -3.81
CA ARG A 20 13.66 1.70 -4.23
C ARG A 20 15.14 1.56 -3.89
N ALA A 1 -16.57 -0.66 1.63
CA ALA A 1 -15.45 -0.37 2.56
C ALA A 1 -14.33 0.39 1.85
N ARG A 2 -13.88 1.48 2.46
CA ARG A 2 -12.83 2.31 1.89
C ARG A 2 -11.48 1.98 2.54
N LEU A 3 -11.52 1.58 3.80
CA LEU A 3 -10.30 1.24 4.53
C LEU A 3 -9.55 0.11 3.83
N ASP A 4 -10.29 -0.85 3.27
CA ASP A 4 -9.69 -1.98 2.57
C ASP A 4 -8.82 -1.50 1.42
N VAL A 5 -9.31 -0.50 0.70
CA VAL A 5 -8.58 0.06 -0.44
C VAL A 5 -7.41 0.91 0.02
N ALA A 6 -7.66 1.77 1.00
CA ALA A 6 -6.62 2.64 1.54
C ALA A 6 -5.46 1.82 2.08
N SER A 7 -5.78 0.63 2.59
CA SER A 7 -4.77 -0.26 3.15
C SER A 7 -4.05 -1.01 2.03
N GLU A 8 -4.83 -1.46 1.04
CA GLU A 8 -4.27 -2.18 -0.09
C GLU A 8 -3.33 -1.29 -0.88
N PHE A 9 -3.77 -0.06 -1.13
CA PHE A 9 -2.97 0.90 -1.87
C PHE A 9 -1.68 1.21 -1.13
N ARG A 10 -1.74 1.17 0.21
CA ARG A 10 -0.57 1.42 1.04
C ARG A 10 0.47 0.32 0.85
N LYS A 11 0.00 -0.91 0.74
CA LYS A 11 0.89 -2.05 0.55
C LYS A 11 1.65 -1.93 -0.76
N LYS A 12 1.00 -1.30 -1.75
CA LYS A 12 1.62 -1.10 -3.05
C LYS A 12 2.80 -0.14 -2.95
N TRP A 13 2.66 0.86 -2.09
CA TRP A 13 3.72 1.86 -1.89
C TRP A 13 4.81 1.31 -0.98
N ASN A 14 4.41 0.50 -0.01
CA ASN A 14 5.36 -0.09 0.94
C ASN A 14 6.44 -0.87 0.20
N LYS A 15 6.01 -1.69 -0.76
CA LYS A 15 6.95 -2.51 -1.53
C LYS A 15 7.98 -1.63 -2.23
N TRP A 16 7.55 -0.45 -2.67
CA TRP A 16 8.44 0.48 -3.35
C TRP A 16 9.55 0.96 -2.41
N ALA A 17 9.20 1.18 -1.15
CA ALA A 17 10.17 1.63 -0.16
C ALA A 17 11.23 0.56 0.09
N LEU A 18 10.84 -0.70 -0.04
CA LEU A 18 11.76 -1.81 0.15
C LEU A 18 12.73 -1.90 -1.01
N SER A 19 12.19 -1.77 -2.22
CA SER A 19 13.00 -1.84 -3.43
C SER A 19 13.88 -0.59 -3.55
N ARG A 20 13.43 0.51 -2.98
CA ARG A 20 14.18 1.76 -3.03
C ARG A 20 15.53 1.61 -2.32
#